data_6XTH
#
_entry.id   6XTH
#
_entity_poly.entity_id   1
_entity_poly.type   'polypeptide(L)'
_entity_poly.pdbx_seq_one_letter_code
;GSRGWGFEPGVRCLIWCD
;
_entity_poly.pdbx_strand_id   A
#
# COMPACT_ATOMS: atom_id res chain seq x y z
N GLY A 1 -4.49 2.37 0.97
CA GLY A 1 -4.73 1.87 2.31
C GLY A 1 -4.01 2.88 3.19
N SER A 2 -3.89 2.63 4.49
CA SER A 2 -3.24 3.61 5.36
C SER A 2 -2.22 3.09 6.36
N ARG A 3 -2.18 1.77 6.55
CA ARG A 3 -1.36 1.15 7.59
C ARG A 3 0.14 1.13 7.29
N GLY A 4 0.62 0.06 6.67
CA GLY A 4 2.02 -0.03 6.29
C GLY A 4 2.24 0.61 4.94
N TRP A 5 3.38 0.38 4.30
CA TRP A 5 3.73 1.04 3.05
C TRP A 5 3.59 0.17 1.80
N GLY A 6 3.37 0.78 0.65
CA GLY A 6 3.55 0.10 -0.63
C GLY A 6 2.84 0.68 -1.83
N PHE A 7 1.57 0.34 -2.01
CA PHE A 7 0.78 0.69 -3.18
C PHE A 7 -0.47 1.46 -2.76
N GLU A 8 -1.39 1.75 -3.70
CA GLU A 8 -2.65 2.44 -3.39
C GLU A 8 -2.40 3.87 -2.92
N PRO A 9 -3.29 4.83 -3.26
CA PRO A 9 -3.17 6.18 -2.72
C PRO A 9 -3.37 6.17 -1.20
N GLY A 10 -2.32 6.55 -0.49
CA GLY A 10 -2.22 6.32 0.94
C GLY A 10 -0.99 5.50 1.27
N VAL A 11 -0.45 4.82 0.26
CA VAL A 11 0.81 4.08 0.32
C VAL A 11 0.74 2.96 1.35
N ARG A 12 0.16 1.85 0.91
CA ARG A 12 -0.03 0.63 1.70
C ARG A 12 0.02 -0.56 0.74
N CYS A 13 0.90 -1.52 0.97
CA CYS A 13 0.92 -2.74 0.17
C CYS A 13 -0.39 -3.49 0.32
N LEU A 14 -1.25 -3.38 -0.69
CA LEU A 14 -2.59 -3.96 -0.66
C LEU A 14 -2.72 -5.10 -1.66
N ILE A 15 -2.34 -4.83 -2.91
CA ILE A 15 -2.38 -5.83 -3.97
C ILE A 15 -0.99 -5.91 -4.60
N TRP A 16 -0.35 -7.08 -4.45
CA TRP A 16 0.98 -7.37 -4.96
C TRP A 16 1.83 -6.14 -5.25
N CYS A 17 2.30 -5.49 -4.19
CA CYS A 17 3.09 -4.27 -4.32
C CYS A 17 4.50 -4.55 -4.82
N ASP A 18 5.16 -3.48 -5.29
CA ASP A 18 6.54 -3.53 -5.79
C ASP A 18 7.40 -4.55 -5.06
N GLY A 1 -5.24 2.43 1.08
CA GLY A 1 -5.17 2.43 2.54
C GLY A 1 -4.11 3.33 3.14
N SER A 2 -3.71 3.07 4.38
CA SER A 2 -2.71 3.89 5.08
C SER A 2 -1.89 3.17 6.14
N ARG A 3 -1.90 1.84 6.09
CA ARG A 3 -1.11 1.02 7.02
C ARG A 3 0.30 0.80 6.49
N GLY A 4 0.82 -0.41 6.56
CA GLY A 4 2.18 -0.68 6.13
C GLY A 4 2.42 -0.47 4.64
N TRP A 5 3.47 0.30 4.34
CA TRP A 5 3.63 1.00 3.07
C TRP A 5 3.65 0.14 1.80
N GLY A 6 3.21 0.72 0.69
CA GLY A 6 3.26 0.05 -0.60
C GLY A 6 2.52 0.75 -1.71
N PHE A 7 1.61 0.02 -2.36
CA PHE A 7 0.78 0.54 -3.45
C PHE A 7 -0.39 1.32 -2.84
N GLU A 8 -1.48 1.53 -3.60
CA GLU A 8 -2.68 2.22 -3.13
C GLU A 8 -2.42 3.68 -2.82
N PRO A 9 -3.31 4.61 -3.23
CA PRO A 9 -3.20 6.00 -2.79
C PRO A 9 -3.38 6.07 -1.28
N GLY A 10 -2.38 6.63 -0.61
CA GLY A 10 -2.29 6.57 0.85
C GLY A 10 -1.19 5.63 1.32
N VAL A 11 -0.64 4.87 0.37
CA VAL A 11 0.61 4.11 0.54
C VAL A 11 0.48 2.96 1.52
N ARG A 12 -0.02 1.84 1.02
CA ARG A 12 -0.13 0.58 1.75
C ARG A 12 -0.01 -0.58 0.78
N CYS A 13 0.74 -1.61 1.16
CA CYS A 13 0.84 -2.83 0.35
C CYS A 13 -0.49 -3.59 0.38
N LEU A 14 -1.40 -3.19 -0.49
CA LEU A 14 -2.73 -3.80 -0.59
C LEU A 14 -2.77 -4.89 -1.66
N ILE A 15 -2.21 -4.59 -2.83
CA ILE A 15 -2.18 -5.52 -3.95
C ILE A 15 -0.77 -5.64 -4.50
N TRP A 16 -0.18 -6.82 -4.34
CA TRP A 16 1.14 -7.16 -4.88
C TRP A 16 2.09 -5.98 -5.07
N CYS A 17 2.45 -5.34 -3.95
CA CYS A 17 3.27 -4.13 -4.02
C CYS A 17 4.72 -4.41 -4.39
N ASP A 18 5.41 -3.34 -4.82
CA ASP A 18 6.86 -3.40 -5.07
C ASP A 18 7.66 -3.37 -3.77
N GLY A 1 -4.51 2.33 0.77
CA GLY A 1 -4.72 1.90 2.14
C GLY A 1 -4.17 2.94 3.09
N SER A 2 -3.95 2.59 4.35
CA SER A 2 -3.47 3.55 5.34
C SER A 2 -2.49 3.03 6.39
N ARG A 3 -2.24 1.72 6.37
CA ARG A 3 -1.38 1.07 7.36
C ARG A 3 0.10 1.20 6.98
N GLY A 4 0.82 0.08 6.90
CA GLY A 4 2.21 0.10 6.48
C GLY A 4 2.32 0.48 5.01
N TRP A 5 3.54 0.56 4.50
CA TRP A 5 3.80 1.23 3.22
C TRP A 5 3.63 0.39 1.95
N GLY A 6 3.40 1.07 0.82
CA GLY A 6 3.46 0.44 -0.48
C GLY A 6 2.67 1.12 -1.58
N PHE A 7 1.88 0.34 -2.29
CA PHE A 7 1.05 0.78 -3.41
C PHE A 7 -0.17 1.54 -2.88
N GLU A 8 -1.16 1.84 -3.75
CA GLU A 8 -2.44 2.45 -3.33
C GLU A 8 -2.25 3.88 -2.85
N PRO A 9 -3.15 4.82 -3.22
CA PRO A 9 -3.09 6.17 -2.64
C PRO A 9 -3.33 6.08 -1.13
N GLY A 10 -2.36 6.57 -0.37
CA GLY A 10 -2.31 6.35 1.06
C GLY A 10 -1.19 5.40 1.45
N VAL A 11 -0.54 4.82 0.45
CA VAL A 11 0.76 4.17 0.60
C VAL A 11 0.66 2.93 1.49
N ARG A 12 0.14 1.86 0.89
CA ARG A 12 0.02 0.54 1.53
C ARG A 12 0.10 -0.59 0.50
N CYS A 13 0.98 -1.54 0.75
CA CYS A 13 1.00 -2.77 -0.04
C CYS A 13 -0.27 -3.55 0.23
N LEU A 14 -1.23 -3.43 -0.67
CA LEU A 14 -2.55 -4.04 -0.52
C LEU A 14 -2.75 -5.19 -1.51
N ILE A 15 -2.45 -4.92 -2.77
CA ILE A 15 -2.52 -5.93 -3.83
C ILE A 15 -1.14 -6.03 -4.48
N TRP A 16 -0.53 -7.21 -4.36
CA TRP A 16 0.79 -7.52 -4.88
C TRP A 16 1.61 -6.31 -5.32
N CYS A 17 2.21 -5.63 -4.34
CA CYS A 17 2.98 -4.42 -4.62
C CYS A 17 4.35 -4.74 -5.21
N ASP A 18 4.91 -3.73 -5.89
CA ASP A 18 6.26 -3.79 -6.50
C ASP A 18 6.79 -5.19 -6.67
N GLY A 1 -4.43 2.25 0.83
CA GLY A 1 -4.72 1.80 2.18
C GLY A 1 -4.28 2.89 3.15
N SER A 2 -4.03 2.54 4.40
CA SER A 2 -3.57 3.54 5.38
C SER A 2 -2.49 3.06 6.33
N ARG A 3 -2.27 1.75 6.37
CA ARG A 3 -1.37 1.12 7.34
C ARG A 3 0.10 1.26 6.93
N GLY A 4 0.84 0.15 6.91
CA GLY A 4 2.24 0.19 6.49
C GLY A 4 2.36 0.53 5.03
N TRP A 5 3.59 0.63 4.51
CA TRP A 5 3.85 1.26 3.22
C TRP A 5 3.67 0.41 1.97
N GLY A 6 3.44 1.07 0.84
CA GLY A 6 3.50 0.43 -0.46
C GLY A 6 2.69 1.11 -1.56
N PHE A 7 1.91 0.31 -2.29
CA PHE A 7 1.07 0.76 -3.39
C PHE A 7 -0.15 1.52 -2.86
N GLU A 8 -1.15 1.80 -3.72
CA GLU A 8 -2.42 2.41 -3.30
C GLU A 8 -2.22 3.86 -2.85
N PRO A 9 -3.12 4.80 -3.24
CA PRO A 9 -3.06 6.16 -2.68
C PRO A 9 -3.34 6.09 -1.17
N GLY A 10 -2.36 6.52 -0.38
CA GLY A 10 -2.35 6.26 1.05
C GLY A 10 -1.20 5.36 1.44
N VAL A 11 -0.52 4.81 0.44
CA VAL A 11 0.79 4.16 0.60
C VAL A 11 0.70 2.93 1.49
N ARG A 12 0.17 1.85 0.91
CA ARG A 12 0.05 0.55 1.55
C ARG A 12 0.11 -0.58 0.53
N CYS A 13 1.00 -1.53 0.76
CA CYS A 13 1.00 -2.78 -0.01
C CYS A 13 -0.29 -3.52 0.27
N LEU A 14 -1.22 -3.46 -0.68
CA LEU A 14 -2.54 -4.06 -0.52
C LEU A 14 -2.75 -5.18 -1.54
N ILE A 15 -2.46 -4.90 -2.80
CA ILE A 15 -2.54 -5.89 -3.86
C ILE A 15 -1.19 -5.99 -4.57
N TRP A 16 -0.57 -7.16 -4.45
CA TRP A 16 0.73 -7.49 -5.04
C TRP A 16 1.58 -6.28 -5.38
N CYS A 17 2.14 -5.64 -4.36
CA CYS A 17 2.94 -4.44 -4.55
C CYS A 17 4.34 -4.75 -5.09
N ASP A 18 5.00 -3.71 -5.61
CA ASP A 18 6.42 -3.79 -5.96
C ASP A 18 7.31 -3.64 -4.75
N GLY A 1 -4.42 2.42 0.82
CA GLY A 1 -4.59 1.98 2.20
C GLY A 1 -4.16 3.08 3.15
N SER A 2 -3.83 2.73 4.39
CA SER A 2 -3.42 3.73 5.37
C SER A 2 -2.38 3.27 6.40
N ARG A 3 -2.19 1.95 6.50
CA ARG A 3 -1.30 1.36 7.49
C ARG A 3 0.16 1.34 7.04
N GLY A 4 0.75 0.16 6.91
CA GLY A 4 2.12 0.04 6.43
C GLY A 4 2.22 0.43 4.97
N TRP A 5 3.42 0.42 4.41
CA TRP A 5 3.69 1.10 3.15
C TRP A 5 3.62 0.24 1.88
N GLY A 6 3.36 0.87 0.75
CA GLY A 6 3.50 0.21 -0.55
C GLY A 6 2.83 0.89 -1.73
N PHE A 7 1.70 0.35 -2.15
CA PHE A 7 0.95 0.80 -3.32
C PHE A 7 -0.31 1.55 -2.85
N GLU A 8 -1.25 1.85 -3.76
CA GLU A 8 -2.53 2.48 -3.41
C GLU A 8 -2.33 3.89 -2.89
N PRO A 9 -3.22 4.85 -3.23
CA PRO A 9 -3.13 6.19 -2.63
C PRO A 9 -3.36 6.10 -1.13
N GLY A 10 -2.37 6.56 -0.37
CA GLY A 10 -2.32 6.34 1.06
C GLY A 10 -1.27 5.31 1.45
N VAL A 11 -0.66 4.69 0.43
CA VAL A 11 0.62 4.00 0.55
C VAL A 11 0.55 2.78 1.47
N ARG A 12 0.08 1.68 0.89
CA ARG A 12 0.01 0.36 1.52
C ARG A 12 0.18 -0.74 0.50
N CYS A 13 0.99 -1.75 0.81
CA CYS A 13 1.04 -2.97 0.01
C CYS A 13 -0.25 -3.76 0.19
N LEU A 14 -1.26 -3.40 -0.60
CA LEU A 14 -2.58 -4.01 -0.52
C LEU A 14 -2.74 -5.14 -1.56
N ILE A 15 -2.37 -4.85 -2.79
CA ILE A 15 -2.41 -5.83 -3.88
C ILE A 15 -1.04 -5.90 -4.53
N TRP A 16 -0.43 -7.09 -4.45
CA TRP A 16 0.90 -7.39 -4.97
C TRP A 16 1.73 -6.16 -5.33
N CYS A 17 2.30 -5.53 -4.31
CA CYS A 17 3.09 -4.32 -4.52
C CYS A 17 4.46 -4.64 -5.09
N ASP A 18 5.12 -3.59 -5.65
CA ASP A 18 6.46 -3.68 -6.23
C ASP A 18 7.22 -4.93 -5.85
N GLY A 1 -4.50 2.21 0.95
CA GLY A 1 -4.76 1.86 2.34
C GLY A 1 -4.15 2.94 3.21
N SER A 2 -3.88 2.64 4.47
CA SER A 2 -3.33 3.63 5.38
C SER A 2 -2.29 3.12 6.39
N ARG A 3 -2.26 1.81 6.60
CA ARG A 3 -1.47 1.23 7.69
C ARG A 3 0.03 1.15 7.41
N GLY A 4 0.47 0.12 6.71
CA GLY A 4 1.87 -0.02 6.34
C GLY A 4 2.11 0.63 5.00
N TRP A 5 3.28 0.42 4.40
CA TRP A 5 3.68 1.14 3.19
C TRP A 5 3.57 0.35 1.88
N GLY A 6 3.42 1.05 0.77
CA GLY A 6 3.57 0.44 -0.55
C GLY A 6 2.77 1.10 -1.66
N PHE A 7 2.00 0.28 -2.39
CA PHE A 7 1.13 0.74 -3.47
C PHE A 7 -0.07 1.45 -2.84
N GLU A 8 -1.18 1.64 -3.59
CA GLU A 8 -2.41 2.26 -3.08
C GLU A 8 -2.21 3.73 -2.77
N PRO A 9 -3.13 4.63 -3.18
CA PRO A 9 -3.10 6.00 -2.69
C PRO A 9 -3.34 6.01 -1.18
N GLY A 10 -2.38 6.55 -0.45
CA GLY A 10 -2.30 6.35 0.99
C GLY A 10 -1.11 5.51 1.39
N VAL A 11 -0.45 4.92 0.38
CA VAL A 11 0.83 4.24 0.53
C VAL A 11 0.72 3.04 1.46
N ARG A 12 0.18 1.95 0.92
CA ARG A 12 0.04 0.67 1.60
C ARG A 12 0.08 -0.46 0.56
N CYS A 13 1.02 -1.38 0.70
CA CYS A 13 1.02 -2.59 -0.13
C CYS A 13 -0.26 -3.36 0.20
N LEU A 14 -1.17 -3.45 -0.77
CA LEU A 14 -2.47 -4.08 -0.56
C LEU A 14 -2.68 -5.22 -1.55
N ILE A 15 -2.47 -4.93 -2.83
CA ILE A 15 -2.53 -5.94 -3.88
C ILE A 15 -1.15 -6.03 -4.52
N TRP A 16 -0.53 -7.20 -4.41
CA TRP A 16 0.80 -7.51 -4.92
C TRP A 16 1.61 -6.30 -5.39
N CYS A 17 2.20 -5.61 -4.42
CA CYS A 17 3.01 -4.42 -4.71
C CYS A 17 4.34 -4.79 -5.36
N ASP A 18 4.99 -3.77 -5.95
CA ASP A 18 6.29 -3.91 -6.64
C ASP A 18 6.96 -5.26 -6.46
N GLY A 1 -4.58 2.54 1.00
CA GLY A 1 -4.72 1.92 2.31
C GLY A 1 -3.81 2.63 3.29
N SER A 2 -3.64 2.10 4.50
CA SER A 2 -2.83 2.77 5.51
C SER A 2 -2.01 1.89 6.45
N ARG A 3 -1.86 0.61 6.12
CA ARG A 3 -0.99 -0.29 6.89
C ARG A 3 0.48 -0.19 6.49
N GLY A 4 0.93 -1.03 5.57
CA GLY A 4 2.30 -0.97 5.09
C GLY A 4 2.41 -0.01 3.93
N TRP A 5 3.51 -0.04 3.19
CA TRP A 5 3.76 0.91 2.11
C TRP A 5 3.57 0.35 0.70
N GLY A 6 3.23 1.24 -0.24
CA GLY A 6 3.15 0.88 -1.65
C GLY A 6 2.33 1.86 -2.46
N PHE A 7 1.52 1.33 -3.37
CA PHE A 7 0.58 2.12 -4.17
C PHE A 7 -0.54 2.60 -3.26
N GLU A 8 -1.70 2.99 -3.84
CA GLU A 8 -2.88 3.46 -3.09
C GLU A 8 -2.60 4.80 -2.43
N PRO A 9 -3.54 5.76 -2.50
CA PRO A 9 -3.42 6.98 -1.70
C PRO A 9 -3.47 6.61 -0.22
N GLY A 10 -2.49 7.10 0.52
CA GLY A 10 -2.24 6.62 1.87
C GLY A 10 -1.03 5.71 1.94
N VAL A 11 -0.51 5.34 0.77
CA VAL A 11 0.73 4.59 0.61
C VAL A 11 0.63 3.23 1.28
N ARG A 12 -0.01 2.29 0.57
CA ARG A 12 -0.21 0.92 1.02
C ARG A 12 -0.42 0.04 -0.21
N CYS A 13 0.48 -0.92 -0.44
CA CYS A 13 0.35 -1.80 -1.59
C CYS A 13 -0.97 -2.57 -1.52
N LEU A 14 -1.76 -2.49 -2.59
CA LEU A 14 -2.98 -3.29 -2.71
C LEU A 14 -2.64 -4.75 -2.98
N ILE A 15 -1.57 -4.94 -3.74
CA ILE A 15 -1.05 -6.28 -4.05
C ILE A 15 -0.29 -6.79 -2.83
N TRP A 16 0.20 -8.03 -2.90
CA TRP A 16 0.87 -8.69 -1.78
C TRP A 16 2.18 -8.02 -1.33
N CYS A 17 2.60 -6.97 -2.03
CA CYS A 17 3.75 -6.18 -1.61
C CYS A 17 3.41 -5.42 -0.33
N ASP A 18 4.45 -4.95 0.39
CA ASP A 18 4.27 -4.26 1.67
C ASP A 18 3.18 -3.21 1.62
N GLY A 1 -4.61 2.61 0.99
CA GLY A 1 -4.72 2.03 2.32
C GLY A 1 -3.76 2.71 3.28
N SER A 2 -3.54 2.15 4.46
CA SER A 2 -2.66 2.78 5.44
C SER A 2 -1.92 1.90 6.44
N ARG A 3 -1.80 0.61 6.15
CA ARG A 3 -0.99 -0.29 6.95
C ARG A 3 0.50 -0.28 6.57
N GLY A 4 0.88 -1.07 5.57
CA GLY A 4 2.24 -1.04 5.07
C GLY A 4 2.38 -0.02 3.95
N TRP A 5 3.46 -0.08 3.19
CA TRP A 5 3.72 0.89 2.13
C TRP A 5 3.52 0.36 0.71
N GLY A 6 3.21 1.26 -0.22
CA GLY A 6 3.11 0.92 -1.63
C GLY A 6 2.24 1.90 -2.40
N PHE A 7 1.55 1.40 -3.43
CA PHE A 7 0.56 2.16 -4.17
C PHE A 7 -0.60 2.58 -3.27
N GLU A 8 -1.74 2.99 -3.86
CA GLU A 8 -2.92 3.45 -3.12
C GLU A 8 -2.64 4.80 -2.44
N PRO A 9 -3.58 5.77 -2.51
CA PRO A 9 -3.43 6.99 -1.70
C PRO A 9 -3.46 6.61 -0.23
N GLY A 10 -2.49 7.13 0.53
CA GLY A 10 -2.25 6.66 1.87
C GLY A 10 -1.05 5.73 1.95
N VAL A 11 -0.55 5.35 0.78
CA VAL A 11 0.70 4.59 0.62
C VAL A 11 0.61 3.22 1.28
N ARG A 12 -0.02 2.29 0.57
CA ARG A 12 -0.21 0.90 1.01
C ARG A 12 -0.42 0.01 -0.21
N CYS A 13 0.48 -0.93 -0.44
CA CYS A 13 0.35 -1.81 -1.59
C CYS A 13 -0.96 -2.59 -1.53
N LEU A 14 -1.74 -2.53 -2.60
CA LEU A 14 -2.96 -3.32 -2.73
C LEU A 14 -2.61 -4.79 -3.00
N ILE A 15 -1.53 -4.97 -3.76
CA ILE A 15 -1.01 -6.30 -4.07
C ILE A 15 -0.28 -6.82 -2.84
N TRP A 16 0.23 -8.05 -2.90
CA TRP A 16 0.88 -8.70 -1.76
C TRP A 16 2.19 -8.05 -1.32
N CYS A 17 2.61 -6.99 -2.01
CA CYS A 17 3.76 -6.20 -1.60
C CYS A 17 3.44 -5.44 -0.32
N ASP A 18 4.49 -5.00 0.40
CA ASP A 18 4.32 -4.31 1.69
C ASP A 18 3.27 -3.23 1.64
N GLY A 1 -3.83 2.82 1.21
CA GLY A 1 -4.87 1.97 1.77
C GLY A 1 -4.88 2.04 3.28
N SER A 2 -4.07 1.22 3.94
CA SER A 2 -4.05 1.16 5.39
C SER A 2 -2.73 0.66 5.99
N ARG A 3 -2.21 -0.45 5.46
CA ARG A 3 -1.07 -1.15 6.04
C ARG A 3 0.25 -0.40 5.90
N GLY A 4 1.37 -1.09 6.11
CA GLY A 4 2.67 -0.45 5.96
C GLY A 4 2.87 0.07 4.56
N TRP A 5 3.88 0.92 4.36
CA TRP A 5 4.09 1.62 3.09
C TRP A 5 4.11 0.70 1.87
N GLY A 6 3.56 1.17 0.75
CA GLY A 6 3.61 0.41 -0.48
C GLY A 6 2.78 0.97 -1.62
N PHE A 7 1.97 0.11 -2.23
CA PHE A 7 1.08 0.48 -3.33
C PHE A 7 -0.19 1.11 -2.75
N GLU A 8 -1.24 1.23 -3.58
CA GLU A 8 -2.51 1.89 -3.22
C GLU A 8 -2.31 3.40 -3.09
N PRO A 9 -3.31 4.23 -3.50
CA PRO A 9 -3.23 5.66 -3.25
C PRO A 9 -3.23 5.98 -1.76
N GLY A 10 -2.16 6.63 -1.32
CA GLY A 10 -1.88 6.77 0.09
C GLY A 10 -0.54 6.17 0.46
N VAL A 11 0.00 5.34 -0.43
CA VAL A 11 1.29 4.68 -0.25
C VAL A 11 1.25 3.76 0.95
N ARG A 12 0.26 2.88 0.97
CA ARG A 12 0.07 1.90 2.04
C ARG A 12 -0.37 0.58 1.44
N CYS A 13 0.48 -0.44 1.53
CA CYS A 13 0.32 -1.69 0.79
C CYS A 13 -1.03 -2.35 1.03
N LEU A 14 -1.73 -2.64 -0.07
CA LEU A 14 -3.02 -3.30 -0.01
C LEU A 14 -3.12 -4.44 -1.03
N ILE A 15 -2.68 -4.18 -2.26
CA ILE A 15 -2.70 -5.18 -3.32
C ILE A 15 -1.31 -5.33 -3.93
N TRP A 16 -0.75 -6.53 -3.79
CA TRP A 16 0.54 -6.92 -4.35
C TRP A 16 1.54 -5.79 -4.54
N CYS A 17 1.94 -5.16 -3.44
CA CYS A 17 2.89 -4.06 -3.51
C CYS A 17 4.33 -4.53 -3.77
N ASP A 18 5.15 -3.57 -4.23
CA ASP A 18 6.60 -3.81 -4.40
C ASP A 18 7.35 -3.74 -3.10
N GLY A 1 -3.87 2.52 1.17
CA GLY A 1 -4.95 1.66 1.59
C GLY A 1 -5.02 1.56 3.10
N SER A 2 -4.08 0.85 3.71
CA SER A 2 -4.05 0.69 5.15
C SER A 2 -2.70 0.31 5.77
N ARG A 3 -2.08 -0.74 5.24
CA ARG A 3 -0.90 -1.36 5.85
C ARG A 3 0.36 -0.52 5.67
N GLY A 4 1.52 -1.09 6.01
CA GLY A 4 2.77 -0.37 5.89
C GLY A 4 3.02 0.11 4.46
N TRP A 5 3.99 0.99 4.29
CA TRP A 5 4.22 1.67 3.01
C TRP A 5 4.21 0.74 1.81
N GLY A 6 3.62 1.20 0.71
CA GLY A 6 3.61 0.41 -0.51
C GLY A 6 2.74 0.96 -1.61
N PHE A 7 2.00 0.07 -2.27
CA PHE A 7 1.09 0.41 -3.36
C PHE A 7 -0.20 0.98 -2.76
N GLU A 8 -1.21 1.22 -3.62
CA GLU A 8 -2.46 1.89 -3.27
C GLU A 8 -2.23 3.39 -3.10
N PRO A 9 -3.18 4.24 -3.56
CA PRO A 9 -3.07 5.68 -3.32
C PRO A 9 -3.16 5.99 -1.83
N GLY A 10 -2.12 6.65 -1.35
CA GLY A 10 -1.87 6.80 0.09
C GLY A 10 -0.55 6.21 0.48
N VAL A 11 0.01 5.37 -0.39
CA VAL A 11 1.30 4.72 -0.21
C VAL A 11 1.25 3.84 1.04
N ARG A 12 0.20 3.02 1.11
CA ARG A 12 -0.03 2.11 2.23
C ARG A 12 -0.52 0.78 1.65
N CYS A 13 0.34 -0.23 1.70
CA CYS A 13 0.16 -1.44 0.91
C CYS A 13 -1.19 -2.10 1.13
N LEU A 14 -1.88 -2.42 0.03
CA LEU A 14 -3.15 -3.13 0.09
C LEU A 14 -3.20 -4.27 -0.94
N ILE A 15 -2.76 -4.00 -2.15
CA ILE A 15 -2.76 -4.99 -3.22
C ILE A 15 -1.36 -5.17 -3.81
N TRP A 16 -0.83 -6.39 -3.67
CA TRP A 16 0.45 -6.80 -4.21
C TRP A 16 1.50 -5.71 -4.39
N CYS A 17 1.90 -5.09 -3.29
CA CYS A 17 2.94 -4.06 -3.33
C CYS A 17 4.33 -4.63 -3.55
N ASP A 18 5.24 -3.76 -4.02
CA ASP A 18 6.65 -4.13 -4.21
C ASP A 18 7.34 -4.44 -2.90
N GLY A 1 -4.53 1.91 0.51
CA GLY A 1 -4.03 1.37 1.76
C GLY A 1 -3.95 2.28 2.97
N SER A 2 -3.31 1.78 4.03
CA SER A 2 -3.13 2.50 5.29
C SER A 2 -1.95 1.99 6.12
N ARG A 3 -1.85 0.67 6.23
CA ARG A 3 -0.88 0.03 7.12
C ARG A 3 0.60 0.13 6.76
N GLY A 4 1.00 -0.58 5.70
CA GLY A 4 2.39 -0.67 5.30
C GLY A 4 2.79 0.36 4.27
N TRP A 5 3.45 -0.07 3.20
CA TRP A 5 3.91 0.82 2.14
C TRP A 5 3.61 0.31 0.74
N GLY A 6 3.32 1.23 -0.18
CA GLY A 6 3.15 0.86 -1.58
C GLY A 6 2.24 1.78 -2.36
N PHE A 7 1.62 1.23 -3.39
CA PHE A 7 0.67 1.97 -4.23
C PHE A 7 -0.61 2.28 -3.47
N GLU A 8 -1.48 3.10 -4.11
CA GLU A 8 -2.73 3.61 -3.53
C GLU A 8 -2.48 4.78 -2.58
N PRO A 9 -3.33 5.83 -2.61
CA PRO A 9 -3.21 6.93 -1.65
C PRO A 9 -3.46 6.42 -0.23
N GLY A 10 -2.60 6.84 0.69
CA GLY A 10 -2.46 6.18 1.97
C GLY A 10 -1.12 5.45 2.03
N VAL A 11 -0.61 5.13 0.84
CA VAL A 11 0.71 4.54 0.65
C VAL A 11 0.81 3.18 1.34
N ARG A 12 0.02 2.23 0.86
CA ARG A 12 0.17 0.82 1.24
C ARG A 12 -0.44 -0.05 0.14
N CYS A 13 0.39 -0.92 -0.42
CA CYS A 13 -0.02 -1.75 -1.55
C CYS A 13 -1.31 -2.51 -1.26
N LEU A 14 -2.23 -2.47 -2.21
CA LEU A 14 -3.39 -3.36 -2.21
C LEU A 14 -3.00 -4.74 -2.70
N ILE A 15 -1.93 -4.80 -3.48
CA ILE A 15 -1.35 -6.06 -3.95
C ILE A 15 -0.44 -6.60 -2.85
N TRP A 16 0.19 -7.75 -3.09
CA TRP A 16 0.98 -8.45 -2.09
C TRP A 16 2.23 -7.71 -1.60
N CYS A 17 2.55 -6.58 -2.21
CA CYS A 17 3.69 -5.77 -1.80
C CYS A 17 3.47 -5.21 -0.39
N ASP A 18 4.58 -4.81 0.26
CA ASP A 18 4.59 -4.43 1.68
C ASP A 18 3.26 -3.87 2.16
N GLY A 1 -3.82 2.81 1.21
CA GLY A 1 -4.83 1.93 1.76
C GLY A 1 -4.86 2.00 3.28
N SER A 2 -4.06 1.16 3.94
CA SER A 2 -4.03 1.13 5.40
C SER A 2 -2.73 0.63 6.02
N ARG A 3 -2.21 -0.49 5.50
CA ARG A 3 -1.06 -1.18 6.07
C ARG A 3 0.25 -0.40 5.93
N GLY A 4 1.39 -1.07 6.12
CA GLY A 4 2.67 -0.41 5.97
C GLY A 4 2.86 0.11 4.56
N TRP A 5 3.88 0.95 4.35
CA TRP A 5 4.08 1.63 3.08
C TRP A 5 4.09 0.70 1.87
N GLY A 6 3.54 1.17 0.75
CA GLY A 6 3.59 0.41 -0.49
C GLY A 6 2.75 0.97 -1.63
N PHE A 7 1.93 0.11 -2.22
CA PHE A 7 1.04 0.48 -3.32
C PHE A 7 -0.21 1.12 -2.74
N GLU A 8 -1.26 1.26 -3.58
CA GLU A 8 -2.52 1.93 -3.22
C GLU A 8 -2.30 3.44 -3.09
N PRO A 9 -3.29 4.27 -3.51
CA PRO A 9 -3.20 5.72 -3.28
C PRO A 9 -3.21 6.04 -1.79
N GLY A 10 -2.14 6.67 -1.34
CA GLY A 10 -1.87 6.81 0.07
C GLY A 10 -0.55 6.19 0.45
N VAL A 11 0.00 5.35 -0.44
CA VAL A 11 1.28 4.69 -0.26
C VAL A 11 1.24 3.77 0.95
N ARG A 12 0.26 2.88 0.96
CA ARG A 12 0.08 1.90 2.03
C ARG A 12 -0.36 0.57 1.43
N CYS A 13 0.49 -0.45 1.52
CA CYS A 13 0.32 -1.70 0.78
C CYS A 13 -1.02 -2.36 1.04
N LEU A 14 -1.73 -2.65 -0.05
CA LEU A 14 -3.02 -3.33 0.01
C LEU A 14 -3.12 -4.45 -1.03
N ILE A 15 -2.68 -4.18 -2.25
CA ILE A 15 -2.70 -5.17 -3.33
C ILE A 15 -1.31 -5.33 -3.92
N TRP A 16 -0.75 -6.53 -3.79
CA TRP A 16 0.53 -6.92 -4.35
C TRP A 16 1.55 -5.80 -4.54
N CYS A 17 1.95 -5.17 -3.43
CA CYS A 17 2.92 -4.08 -3.51
C CYS A 17 4.34 -4.56 -3.76
N ASP A 18 5.19 -3.62 -4.21
CA ASP A 18 6.62 -3.87 -4.37
C ASP A 18 7.33 -4.00 -3.03
N GLY A 1 -4.64 2.27 1.16
CA GLY A 1 -4.91 2.18 2.60
C GLY A 1 -4.14 3.23 3.37
N SER A 2 -3.58 2.88 4.52
CA SER A 2 -2.79 3.82 5.31
C SER A 2 -1.72 3.25 6.24
N ARG A 3 -1.91 2.02 6.72
CA ARG A 3 -1.06 1.45 7.77
C ARG A 3 0.41 1.24 7.40
N GLY A 4 0.67 0.25 6.53
CA GLY A 4 2.02 -0.06 6.10
C GLY A 4 2.32 0.60 4.77
N TRP A 5 3.47 0.32 4.16
CA TRP A 5 3.81 0.93 2.87
C TRP A 5 3.46 0.08 1.67
N GLY A 6 3.17 0.72 0.54
CA GLY A 6 2.99 0.00 -0.71
C GLY A 6 2.41 0.79 -1.87
N PHE A 7 1.77 0.08 -2.80
CA PHE A 7 1.29 0.66 -4.04
C PHE A 7 -0.09 1.30 -3.96
N GLU A 8 -0.81 1.05 -2.86
CA GLU A 8 -2.12 1.63 -2.61
C GLU A 8 -1.98 3.14 -2.42
N PRO A 9 -2.88 3.95 -3.01
CA PRO A 9 -2.92 5.38 -2.68
C PRO A 9 -3.29 5.56 -1.21
N GLY A 10 -2.64 6.53 -0.57
CA GLY A 10 -2.64 6.59 0.89
C GLY A 10 -1.48 5.81 1.47
N VAL A 11 -0.72 5.16 0.59
CA VAL A 11 0.50 4.42 0.91
C VAL A 11 0.20 3.17 1.72
N ARG A 12 0.02 2.05 1.03
CA ARG A 12 -0.17 0.74 1.66
C ARG A 12 0.05 -0.41 0.69
N CYS A 13 0.49 -1.56 1.19
CA CYS A 13 0.45 -2.78 0.39
C CYS A 13 -0.96 -3.35 0.39
N LEU A 14 -1.55 -3.51 -0.79
CA LEU A 14 -2.88 -4.08 -0.94
C LEU A 14 -2.92 -5.07 -2.10
N ILE A 15 -2.40 -4.64 -3.24
CA ILE A 15 -2.31 -5.49 -4.43
C ILE A 15 -0.87 -5.54 -4.92
N TRP A 16 -0.29 -6.74 -4.92
CA TRP A 16 1.06 -7.01 -5.41
C TRP A 16 2.05 -5.86 -5.27
N CYS A 17 2.29 -5.41 -4.03
CA CYS A 17 3.25 -4.36 -3.78
C CYS A 17 4.69 -4.85 -3.88
N ASP A 18 5.63 -3.89 -4.00
CA ASP A 18 7.06 -4.20 -3.90
C ASP A 18 7.46 -4.58 -2.48
N GLY A 1 -4.11 2.55 0.59
CA GLY A 1 -3.57 2.39 1.93
C GLY A 1 -3.85 3.37 3.06
N SER A 2 -3.13 3.16 4.15
CA SER A 2 -3.24 3.98 5.36
C SER A 2 -2.14 3.71 6.37
N ARG A 3 -1.85 2.43 6.63
CA ARG A 3 -0.90 2.03 7.67
C ARG A 3 0.55 1.90 7.21
N GLY A 4 1.00 0.68 6.95
CA GLY A 4 2.37 0.45 6.50
C GLY A 4 2.51 0.68 5.01
N TRP A 5 3.60 0.24 4.40
CA TRP A 5 3.96 0.72 3.07
C TRP A 5 3.53 -0.12 1.87
N GLY A 6 3.19 0.56 0.78
CA GLY A 6 2.98 -0.10 -0.50
C GLY A 6 2.39 0.77 -1.59
N PHE A 7 1.30 0.31 -2.19
CA PHE A 7 0.98 0.64 -3.57
C PHE A 7 -0.26 1.49 -3.82
N GLU A 8 -1.36 1.21 -3.10
CA GLU A 8 -2.60 1.98 -3.28
C GLU A 8 -2.46 3.34 -2.61
N PRO A 9 -3.10 4.40 -3.16
CA PRO A 9 -2.98 5.74 -2.57
C PRO A 9 -3.47 5.75 -1.13
N GLY A 10 -2.70 6.43 -0.29
CA GLY A 10 -2.82 6.28 1.16
C GLY A 10 -1.71 5.39 1.69
N VAL A 11 -1.06 4.66 0.80
CA VAL A 11 0.17 3.92 1.06
C VAL A 11 -0.07 2.68 1.93
N ARG A 12 -0.21 1.53 1.28
CA ARG A 12 -0.16 0.22 1.93
C ARG A 12 0.03 -0.86 0.86
N CYS A 13 0.68 -1.95 1.21
CA CYS A 13 0.65 -3.14 0.37
C CYS A 13 -0.79 -3.64 0.30
N LEU A 14 -1.35 -3.64 -0.91
CA LEU A 14 -2.74 -4.04 -1.12
C LEU A 14 -2.86 -5.00 -2.29
N ILE A 15 -2.27 -4.63 -3.43
CA ILE A 15 -2.26 -5.47 -4.62
C ILE A 15 -0.84 -5.55 -5.16
N TRP A 16 -0.30 -6.77 -5.21
CA TRP A 16 1.05 -7.06 -5.72
C TRP A 16 2.07 -5.95 -5.49
N CYS A 17 2.32 -5.62 -4.23
CA CYS A 17 3.23 -4.54 -3.89
C CYS A 17 4.70 -4.93 -4.03
N ASP A 18 5.57 -3.91 -4.05
CA ASP A 18 7.02 -4.09 -3.95
C ASP A 18 7.46 -4.44 -2.55
N GLY A 1 -5.43 3.03 1.23
CA GLY A 1 -5.27 2.62 2.61
C GLY A 1 -4.07 3.21 3.35
N SER A 2 -3.61 2.54 4.41
CA SER A 2 -2.41 2.96 5.12
C SER A 2 -1.87 1.93 6.10
N ARG A 3 -1.68 0.71 5.61
CA ARG A 3 -0.89 -0.31 6.29
C ARG A 3 0.57 -0.37 5.82
N GLY A 4 0.93 -1.40 5.06
CA GLY A 4 2.30 -1.55 4.59
C GLY A 4 2.49 -0.97 3.21
N TRP A 5 3.60 -0.26 3.00
CA TRP A 5 3.71 0.78 1.99
C TRP A 5 3.53 0.31 0.54
N GLY A 6 2.97 1.18 -0.30
CA GLY A 6 2.82 0.88 -1.71
C GLY A 6 1.99 1.89 -2.47
N PHE A 7 1.09 1.39 -3.31
CA PHE A 7 0.19 2.21 -4.11
C PHE A 7 -0.93 2.74 -3.20
N GLU A 8 -2.02 3.26 -3.79
CA GLU A 8 -3.15 3.86 -3.04
C GLU A 8 -2.72 5.13 -2.32
N PRO A 9 -3.50 6.23 -2.41
CA PRO A 9 -3.21 7.41 -1.60
C PRO A 9 -3.32 7.03 -0.12
N GLY A 10 -2.30 7.38 0.64
CA GLY A 10 -2.14 6.89 2.00
C GLY A 10 -1.07 5.80 2.10
N VAL A 11 -0.63 5.33 0.93
CA VAL A 11 0.57 4.51 0.77
C VAL A 11 0.42 3.12 1.38
N ARG A 12 -0.24 2.23 0.64
CA ARG A 12 -0.42 0.84 1.02
C ARG A 12 -0.43 -0.09 -0.19
N CYS A 13 0.43 -1.09 -0.16
CA CYS A 13 0.50 -2.11 -1.20
C CYS A 13 -0.77 -2.96 -1.22
N LEU A 14 -1.64 -2.74 -2.20
CA LEU A 14 -2.83 -3.54 -2.38
C LEU A 14 -2.48 -4.97 -2.82
N ILE A 15 -1.35 -5.11 -3.50
CA ILE A 15 -0.82 -6.40 -3.92
C ILE A 15 -0.03 -6.95 -2.73
N TRP A 16 0.39 -8.21 -2.83
CA TRP A 16 1.25 -8.85 -1.83
C TRP A 16 2.66 -8.26 -1.91
N CYS A 17 2.80 -7.06 -1.38
CA CYS A 17 4.06 -6.31 -1.38
C CYS A 17 4.09 -5.35 -0.20
N ASP A 18 5.24 -4.68 0.00
CA ASP A 18 5.47 -3.79 1.15
C ASP A 18 4.21 -3.14 1.69
N GLY A 1 -4.76 2.28 1.08
CA GLY A 1 -5.07 2.24 2.49
C GLY A 1 -4.09 3.07 3.31
N SER A 2 -4.17 2.97 4.64
CA SER A 2 -3.40 3.85 5.52
C SER A 2 -2.22 3.22 6.26
N ARG A 3 -2.21 1.90 6.37
CA ARG A 3 -1.16 1.19 7.11
C ARG A 3 0.11 1.04 6.27
N GLY A 4 1.04 0.21 6.71
CA GLY A 4 2.38 0.18 6.15
C GLY A 4 2.52 -0.09 4.66
N TRP A 5 3.67 0.33 4.15
CA TRP A 5 3.79 0.97 2.85
C TRP A 5 3.53 0.09 1.62
N GLY A 6 3.12 0.72 0.51
CA GLY A 6 2.94 0.01 -0.74
C GLY A 6 2.33 0.82 -1.86
N PHE A 7 1.71 0.14 -2.81
CA PHE A 7 1.19 0.76 -4.02
C PHE A 7 -0.21 1.38 -3.92
N GLU A 8 -0.98 1.02 -2.88
CA GLU A 8 -2.29 1.63 -2.64
C GLU A 8 -2.12 3.10 -2.37
N PRO A 9 -2.99 3.98 -2.94
CA PRO A 9 -2.96 5.39 -2.56
C PRO A 9 -3.23 5.53 -1.07
N GLY A 10 -2.47 6.42 -0.42
CA GLY A 10 -2.33 6.40 1.01
C GLY A 10 -1.06 5.70 1.46
N VAL A 11 -0.38 5.07 0.49
CA VAL A 11 0.89 4.39 0.66
C VAL A 11 0.74 3.15 1.55
N ARG A 12 0.11 2.13 0.98
CA ARG A 12 -0.17 0.88 1.68
C ARG A 12 -0.03 -0.33 0.76
N CYS A 13 0.55 -1.42 1.25
CA CYS A 13 0.53 -2.67 0.50
C CYS A 13 -0.87 -3.29 0.54
N LEU A 14 -1.48 -3.45 -0.62
CA LEU A 14 -2.80 -4.06 -0.73
C LEU A 14 -2.85 -5.04 -1.90
N ILE A 15 -2.39 -4.60 -3.07
CA ILE A 15 -2.33 -5.44 -4.26
C ILE A 15 -0.91 -5.48 -4.80
N TRP A 16 -0.32 -6.67 -4.81
CA TRP A 16 1.02 -6.92 -5.32
C TRP A 16 2.02 -5.78 -5.17
N CYS A 17 2.27 -5.35 -3.94
CA CYS A 17 3.25 -4.29 -3.70
C CYS A 17 4.67 -4.78 -3.87
N ASP A 18 5.61 -3.83 -4.01
CA ASP A 18 7.05 -4.15 -4.05
C ASP A 18 7.56 -4.61 -2.70
N GLY A 1 -4.80 2.30 1.08
CA GLY A 1 -5.08 2.21 2.51
C GLY A 1 -4.16 3.08 3.34
N SER A 2 -4.19 2.91 4.66
CA SER A 2 -3.50 3.83 5.56
C SER A 2 -2.34 3.28 6.37
N ARG A 3 -2.20 1.96 6.42
CA ARG A 3 -1.15 1.31 7.20
C ARG A 3 0.18 1.25 6.45
N GLY A 4 1.03 0.28 6.79
CA GLY A 4 2.38 0.23 6.26
C GLY A 4 2.53 0.04 4.77
N TRP A 5 3.70 0.45 4.28
CA TRP A 5 3.84 1.08 2.97
C TRP A 5 3.56 0.20 1.74
N GLY A 6 3.20 0.82 0.63
CA GLY A 6 3.04 0.09 -0.61
C GLY A 6 2.48 0.87 -1.79
N PHE A 7 1.64 0.21 -2.57
CA PHE A 7 1.19 0.69 -3.87
C PHE A 7 -0.19 1.36 -3.86
N GLU A 8 -1.03 1.00 -2.88
CA GLU A 8 -2.33 1.63 -2.68
C GLU A 8 -2.12 3.10 -2.38
N PRO A 9 -2.96 4.01 -2.93
CA PRO A 9 -2.89 5.43 -2.54
C PRO A 9 -3.17 5.58 -1.05
N GLY A 10 -2.42 6.45 -0.41
CA GLY A 10 -2.27 6.42 1.04
C GLY A 10 -1.02 5.68 1.46
N VAL A 11 -0.37 5.07 0.48
CA VAL A 11 0.90 4.35 0.62
C VAL A 11 0.73 3.11 1.50
N ARG A 12 0.09 2.10 0.93
CA ARG A 12 -0.19 0.84 1.62
C ARG A 12 -0.07 -0.37 0.69
N CYS A 13 0.53 -1.45 1.16
CA CYS A 13 0.55 -2.68 0.38
C CYS A 13 -0.83 -3.34 0.43
N LEU A 14 -1.46 -3.49 -0.73
CA LEU A 14 -2.78 -4.10 -0.82
C LEU A 14 -2.84 -5.10 -1.97
N ILE A 15 -2.40 -4.69 -3.14
CA ILE A 15 -2.35 -5.56 -4.31
C ILE A 15 -0.93 -5.62 -4.87
N TRP A 16 -0.35 -6.82 -4.85
CA TRP A 16 0.98 -7.10 -5.36
C TRP A 16 1.98 -5.94 -5.31
N CYS A 17 2.25 -5.44 -4.11
CA CYS A 17 3.16 -4.31 -3.97
C CYS A 17 4.63 -4.72 -4.14
N ASP A 18 5.47 -3.71 -4.42
CA ASP A 18 6.93 -3.86 -4.51
C ASP A 18 7.38 -5.27 -4.85
N GLY A 1 -5.22 2.73 1.41
CA GLY A 1 -5.09 2.72 2.86
C GLY A 1 -4.08 3.66 3.49
N SER A 2 -3.51 3.24 4.61
CA SER A 2 -2.44 3.99 5.26
C SER A 2 -1.64 3.20 6.31
N ARG A 3 -1.67 1.88 6.19
CA ARG A 3 -0.89 0.98 7.04
C ARG A 3 0.47 0.68 6.40
N GLY A 4 0.88 -0.59 6.37
CA GLY A 4 2.18 -0.93 5.83
C GLY A 4 2.30 -0.57 4.36
N TRP A 5 3.40 0.07 4.00
CA TRP A 5 3.53 0.80 2.74
C TRP A 5 3.47 -0.04 1.46
N GLY A 6 3.00 0.58 0.38
CA GLY A 6 2.97 -0.09 -0.92
C GLY A 6 2.21 0.64 -2.01
N PHE A 7 1.19 -0.03 -2.54
CA PHE A 7 0.31 0.54 -3.57
C PHE A 7 -0.67 1.48 -2.89
N GLU A 8 -1.83 1.77 -3.53
CA GLU A 8 -2.91 2.58 -2.94
C GLU A 8 -2.50 4.03 -2.74
N PRO A 9 -3.38 5.00 -3.10
CA PRO A 9 -3.20 6.37 -2.61
C PRO A 9 -3.38 6.39 -1.09
N GLY A 10 -2.36 6.90 -0.41
CA GLY A 10 -2.25 6.77 1.03
C GLY A 10 -1.16 5.80 1.43
N VAL A 11 -0.66 5.06 0.44
CA VAL A 11 0.52 4.19 0.57
C VAL A 11 0.27 2.98 1.47
N ARG A 12 -0.24 1.92 0.86
CA ARG A 12 -0.54 0.65 1.53
C ARG A 12 -0.27 -0.53 0.60
N CYS A 13 0.46 -1.52 1.09
CA CYS A 13 0.58 -2.79 0.37
C CYS A 13 -0.80 -3.42 0.30
N LEU A 14 -1.38 -3.42 -0.90
CA LEU A 14 -2.73 -3.91 -1.12
C LEU A 14 -2.71 -5.01 -2.18
N ILE A 15 -2.05 -4.74 -3.30
CA ILE A 15 -1.84 -5.72 -4.36
C ILE A 15 -0.34 -5.87 -4.58
N TRP A 16 0.17 -7.06 -4.27
CA TRP A 16 1.58 -7.44 -4.45
C TRP A 16 2.55 -6.27 -4.54
N CYS A 17 2.84 -5.66 -3.39
CA CYS A 17 3.75 -4.53 -3.34
C CYS A 17 5.21 -4.95 -3.49
N ASP A 18 6.07 -3.97 -3.80
CA ASP A 18 7.52 -4.20 -3.91
C ASP A 18 8.12 -4.72 -2.62
N GLY A 1 -5.05 2.23 1.35
CA GLY A 1 -5.00 2.26 2.80
C GLY A 1 -4.16 3.34 3.46
N SER A 2 -3.54 3.00 4.58
CA SER A 2 -2.72 3.93 5.34
C SER A 2 -1.74 3.30 6.34
N ARG A 3 -1.88 2.00 6.54
CA ARG A 3 -1.13 1.26 7.57
C ARG A 3 0.35 1.01 7.28
N GLY A 4 0.65 -0.03 6.51
CA GLY A 4 2.02 -0.32 6.11
C GLY A 4 2.33 0.36 4.81
N TRP A 5 3.41 -0.01 4.12
CA TRP A 5 3.82 0.67 2.89
C TRP A 5 3.61 -0.13 1.62
N GLY A 6 3.29 0.55 0.52
CA GLY A 6 3.16 -0.10 -0.77
C GLY A 6 2.55 0.81 -1.80
N PHE A 7 1.72 0.26 -2.69
CA PHE A 7 0.95 1.05 -3.64
C PHE A 7 -0.23 1.68 -2.88
N GLU A 8 -1.43 1.71 -3.50
CA GLU A 8 -2.61 2.35 -2.93
C GLU A 8 -2.41 3.86 -2.77
N PRO A 9 -3.41 4.68 -3.15
CA PRO A 9 -3.40 6.09 -2.71
C PRO A 9 -3.56 6.12 -1.20
N GLY A 10 -2.52 6.59 -0.52
CA GLY A 10 -2.43 6.47 0.92
C GLY A 10 -1.22 5.67 1.37
N VAL A 11 -0.57 5.00 0.43
CA VAL A 11 0.67 4.25 0.66
C VAL A 11 0.44 3.06 1.59
N ARG A 12 0.04 1.95 1.00
CA ARG A 12 -0.17 0.69 1.71
C ARG A 12 -0.19 -0.47 0.71
N CYS A 13 0.57 -1.52 1.00
CA CYS A 13 0.56 -2.71 0.15
C CYS A 13 -0.84 -3.32 0.15
N LEU A 14 -1.47 -3.34 -1.02
CA LEU A 14 -2.82 -3.87 -1.17
C LEU A 14 -2.84 -5.02 -2.20
N ILE A 15 -2.22 -4.77 -3.36
CA ILE A 15 -2.11 -5.79 -4.40
C ILE A 15 -0.63 -5.98 -4.70
N TRP A 16 -0.13 -7.18 -4.43
CA TRP A 16 1.27 -7.57 -4.59
C TRP A 16 2.23 -6.43 -4.90
N CYS A 17 2.59 -5.70 -3.86
CA CYS A 17 3.46 -4.53 -4.00
C CYS A 17 4.92 -4.93 -4.22
N ASP A 18 5.71 -3.95 -4.68
CA ASP A 18 7.15 -4.12 -4.93
C ASP A 18 7.80 -5.17 -4.04
N GLY A 1 -3.44 2.69 1.22
CA GLY A 1 -4.35 1.74 1.85
C GLY A 1 -4.16 1.83 3.35
N SER A 2 -4.42 0.74 4.07
CA SER A 2 -4.40 0.75 5.53
C SER A 2 -3.13 0.25 6.20
N ARG A 3 -2.34 -0.56 5.49
CA ARG A 3 -1.20 -1.27 6.07
C ARG A 3 0.09 -0.46 6.00
N GLY A 4 1.24 -1.13 5.99
CA GLY A 4 2.51 -0.46 5.90
C GLY A 4 2.73 0.17 4.53
N TRP A 5 3.81 0.93 4.37
CA TRP A 5 4.07 1.65 3.13
C TRP A 5 4.08 0.77 1.88
N GLY A 6 3.62 1.32 0.75
CA GLY A 6 3.72 0.60 -0.51
C GLY A 6 2.84 1.13 -1.63
N PHE A 7 2.07 0.22 -2.22
CA PHE A 7 1.18 0.53 -3.33
C PHE A 7 -0.11 1.12 -2.76
N GLU A 8 -1.15 1.27 -3.61
CA GLU A 8 -2.43 1.90 -3.26
C GLU A 8 -2.25 3.41 -3.14
N PRO A 9 -3.28 4.21 -3.53
CA PRO A 9 -3.24 5.66 -3.29
C PRO A 9 -3.22 5.98 -1.80
N GLY A 10 -2.17 6.67 -1.38
CA GLY A 10 -1.87 6.83 0.03
C GLY A 10 -0.52 6.22 0.39
N VAL A 11 0.03 5.44 -0.53
CA VAL A 11 1.35 4.82 -0.39
C VAL A 11 1.38 3.87 0.80
N ARG A 12 0.33 3.06 0.91
CA ARG A 12 0.23 2.02 1.93
C ARG A 12 -0.30 0.74 1.32
N CYS A 13 0.55 -0.30 1.31
CA CYS A 13 0.28 -1.51 0.55
C CYS A 13 -1.04 -2.16 0.93
N LEU A 14 -1.86 -2.44 -0.07
CA LEU A 14 -3.12 -3.14 0.12
C LEU A 14 -3.21 -4.36 -0.79
N ILE A 15 -2.84 -4.18 -2.06
CA ILE A 15 -2.84 -5.26 -3.05
C ILE A 15 -1.45 -5.37 -3.68
N TRP A 16 -0.87 -6.56 -3.55
CA TRP A 16 0.43 -6.93 -4.09
C TRP A 16 1.36 -5.77 -4.47
N CYS A 17 2.02 -5.20 -3.45
CA CYS A 17 3.04 -4.18 -3.69
C CYS A 17 4.35 -4.78 -4.18
N ASP A 18 5.18 -3.93 -4.82
CA ASP A 18 6.55 -4.31 -5.18
C ASP A 18 7.37 -4.71 -3.96
#